data_5EA7
#
_entry.id   5EA7
#
_cell.length_a   169.590
_cell.length_b   169.590
_cell.length_c   169.590
_cell.angle_alpha   90.000
_cell.angle_beta   90.000
_cell.angle_gamma   90.000
#
_symmetry.space_group_name_H-M   'P 41 3 2'
#
loop_
_entity.id
_entity.type
_entity.pdbx_description
1 polymer 'Fusion glycoprotein F0'
2 non-polymer 'SULFATE ION'
3 non-polymer '2-[N-CYCLOHEXYLAMINO]ETHANE SULFONIC ACID'
4 non-polymer 1-cyclopropyl-3-[[1-(4-oxidanylbutyl)benzimidazol-2-yl]methyl]imidazo[4,5-c]pyridin-2-one
5 water water
#
_entity_poly.entity_id   1
_entity_poly.type   'polypeptide(L)'
_entity_poly.pdbx_seq_one_letter_code
;MELLILKANAITTILTAVTFCFASGQNITEEFYQSTCSAVSKGYLSALRTGWYTSVITIELSNIKENKCNGTDAKVKLIK
QELDKYKNAVTELQLLMQSTPATNNRARRELPRFMNYTLNNAKKTNVTLSKKRKRRFLGFLLGVGSAIASGVAVCKVLHL
EGEVNKIKSALLSTNKAVVSLSNGVSVLTFKVLDLKNYIDKQLLPILNKQSCSISNIETVIEFQQKNNRLLEITREFSVN
AGVTTPVSTYMLTNSELLSLINDMPITNDQKKLMSNNVQIVRQQSYSIMCIIKEEVLAYVVQLPLYGVIDTPCWKLHTSP
LCTTNTKEGSNICLTRTDRGWYCDNAGSVSFFPQAETCKVQSNRVFCDTMNSLTLPSEVNLCNVDIFNPKYDCKIMTSKT
DVSSSVITSLGAIVSCYGKTKCTASNKNRGIIKTFSNGCDYVSNKGVDTVSVGNTLYYVNKQEGKSLYVKGEPIINFYDP
LVFPSDEFDASISQVNEKINQSLAFIRKSDELLSAIGGYIPEAPRDGQAYVRKDGEWVLLSTFLGGLVPRGSHHHHHHSA
WSHPQFEK
;
_entity_poly.pdbx_strand_id   F
#
# COMPACT_ATOMS: atom_id res chain seq x y z
N ASN A 27 -21.11 10.05 5.85
CA ASN A 27 -20.02 9.16 5.50
C ASN A 27 -19.48 9.36 4.07
N ILE A 28 -19.42 8.31 3.27
CA ILE A 28 -18.81 8.40 1.93
C ILE A 28 -19.71 9.14 0.94
N THR A 29 -19.11 10.05 0.19
CA THR A 29 -19.82 10.82 -0.83
C THR A 29 -18.96 10.98 -2.07
N GLU A 30 -19.57 11.34 -3.19
CA GLU A 30 -18.83 11.42 -4.44
C GLU A 30 -19.45 12.46 -5.36
N GLU A 31 -18.61 13.35 -5.89
CA GLU A 31 -19.06 14.31 -6.88
C GLU A 31 -18.46 13.95 -8.23
N PHE A 32 -19.27 14.02 -9.28
CA PHE A 32 -18.74 13.87 -10.62
C PHE A 32 -18.72 15.20 -11.33
N TYR A 33 -17.60 15.48 -12.01
CA TYR A 33 -17.46 16.71 -12.77
C TYR A 33 -17.48 16.44 -14.27
N GLN A 34 -18.57 16.85 -14.89
CA GLN A 34 -18.77 16.62 -16.30
C GLN A 34 -17.78 17.44 -17.10
N SER A 35 -17.40 18.59 -16.56
CA SER A 35 -16.57 19.54 -17.28
C SER A 35 -15.16 19.01 -17.48
N THR A 36 -14.72 18.11 -16.59
CA THR A 36 -13.36 17.58 -16.64
C THR A 36 -13.29 16.04 -16.60
N CYS A 37 -14.45 15.39 -16.70
CA CYS A 37 -14.53 13.94 -16.74
C CYS A 37 -13.83 13.30 -15.54
N SER A 38 -14.12 13.84 -14.36
CA SER A 38 -13.44 13.35 -13.16
C SER A 38 -14.41 13.24 -11.99
N ALA A 39 -14.04 12.44 -11.00
CA ALA A 39 -14.86 12.24 -9.81
C ALA A 39 -14.02 12.24 -8.53
N VAL A 40 -14.56 12.80 -7.46
CA VAL A 40 -13.87 12.76 -6.18
C VAL A 40 -14.70 12.05 -5.13
N SER A 41 -14.11 11.05 -4.48
CA SER A 41 -14.77 10.36 -3.39
C SER A 41 -14.25 10.89 -2.06
N LYS A 42 -15.11 11.52 -1.28
CA LYS A 42 -14.68 11.95 0.03
C LYS A 42 -15.43 11.22 1.14
N GLY A 43 -14.93 11.33 2.36
CA GLY A 43 -15.53 10.66 3.49
C GLY A 43 -14.55 9.77 4.21
N TYR A 44 -13.35 9.65 3.66
CA TYR A 44 -12.39 8.71 4.18
C TYR A 44 -11.50 9.28 5.28
N LEU A 45 -10.97 8.39 6.11
CA LEU A 45 -10.05 8.76 7.16
C LEU A 45 -8.70 8.09 6.93
N SER A 46 -7.65 8.86 7.13
CA SER A 46 -6.30 8.40 6.89
C SER A 46 -5.80 7.38 7.91
N ALA A 47 -4.84 6.59 7.46
CA ALA A 47 -3.93 5.85 8.32
C ALA A 47 -2.65 5.75 7.51
N LEU A 48 -1.75 6.71 7.67
CA LEU A 48 -0.53 6.71 6.85
C LEU A 48 0.67 6.16 7.61
N ARG A 49 1.32 5.16 7.04
CA ARG A 49 2.60 4.78 7.60
C ARG A 49 3.58 5.91 7.39
N THR A 50 3.99 6.54 8.48
CA THR A 50 4.90 7.67 8.38
C THR A 50 6.29 7.33 8.87
N GLY A 51 6.39 6.31 9.73
CA GLY A 51 7.66 5.88 10.27
C GLY A 51 7.74 4.39 10.54
N TRP A 52 8.85 3.94 11.12
CA TRP A 52 9.00 2.52 11.43
C TRP A 52 9.30 2.30 12.90
N TYR A 53 8.89 1.14 13.40
CA TYR A 53 9.17 0.72 14.77
C TYR A 53 9.91 -0.60 14.71
N THR A 54 11.21 -0.59 14.97
CA THR A 54 11.98 -1.84 14.85
C THR A 54 12.16 -2.51 16.20
N SER A 55 12.20 -3.82 16.21
CA SER A 55 12.42 -4.57 17.43
C SER A 55 13.09 -5.89 17.13
N VAL A 56 14.09 -6.25 17.93
CA VAL A 56 14.83 -7.48 17.72
C VAL A 56 14.07 -8.66 18.32
N ILE A 57 13.80 -9.66 17.50
CA ILE A 57 13.11 -10.86 17.95
C ILE A 57 14.08 -12.04 18.03
N THR A 58 14.17 -12.70 19.17
CA THR A 58 15.16 -13.76 19.34
C THR A 58 14.55 -15.13 19.60
N ILE A 59 15.20 -16.15 19.03
CA ILE A 59 14.90 -17.53 19.34
C ILE A 59 16.18 -18.19 19.79
N GLU A 60 16.18 -18.77 20.99
CA GLU A 60 17.38 -19.42 21.49
C GLU A 60 17.41 -20.87 21.03
N LEU A 61 18.57 -21.33 20.58
CA LEU A 61 18.69 -22.64 19.93
C LEU A 61 19.64 -23.55 20.69
N SER A 62 19.48 -24.85 20.50
CA SER A 62 20.37 -25.83 21.11
C SER A 62 21.38 -26.33 20.09
N ASN A 63 22.57 -26.64 20.56
CA ASN A 63 23.64 -27.13 19.68
C ASN A 63 23.99 -28.59 19.95
N ILE A 64 23.32 -29.51 19.25
CA ILE A 64 23.66 -30.94 19.36
C ILE A 64 24.29 -31.47 18.08
N ALA A 74 9.26 -46.43 19.17
CA ALA A 74 9.34 -46.45 20.63
C ALA A 74 8.97 -45.09 21.19
N LYS A 75 8.25 -44.29 20.39
CA LYS A 75 7.68 -42.99 20.78
C LYS A 75 8.76 -41.89 20.88
N VAL A 76 10.01 -42.32 20.97
CA VAL A 76 11.16 -41.42 20.93
C VAL A 76 11.59 -41.25 19.48
N LYS A 77 11.13 -42.17 18.64
CA LYS A 77 11.47 -42.18 17.23
C LYS A 77 10.76 -41.03 16.54
N LEU A 78 9.66 -40.59 17.13
CA LEU A 78 9.01 -39.36 16.73
C LEU A 78 9.91 -38.18 17.06
N ILE A 79 10.33 -38.11 18.33
CA ILE A 79 11.19 -37.04 18.80
C ILE A 79 12.51 -37.01 18.03
N LYS A 80 13.08 -38.17 17.73
CA LYS A 80 14.31 -38.24 16.95
C LYS A 80 14.08 -37.68 15.56
N GLN A 81 12.85 -37.82 15.06
CA GLN A 81 12.47 -37.28 13.76
C GLN A 81 12.40 -35.75 13.80
N GLU A 82 11.56 -35.24 14.69
CA GLU A 82 11.42 -33.80 14.89
C GLU A 82 12.77 -33.16 15.15
N LEU A 83 13.66 -33.90 15.81
CA LEU A 83 14.98 -33.39 16.16
C LEU A 83 15.86 -33.23 14.92
N ASP A 84 15.57 -33.96 13.87
CA ASP A 84 16.39 -33.86 12.66
C ASP A 84 15.75 -32.87 11.69
N LYS A 85 14.44 -32.70 11.78
CA LYS A 85 13.77 -31.57 11.14
C LYS A 85 14.38 -30.30 11.68
N TYR A 86 14.63 -30.30 13.00
CA TYR A 86 15.27 -29.19 13.68
C TYR A 86 16.63 -28.85 13.08
N LYS A 87 17.54 -29.82 13.06
CA LYS A 87 18.89 -29.60 12.58
C LYS A 87 18.91 -29.14 11.12
N ASN A 88 17.91 -29.56 10.35
CA ASN A 88 17.85 -29.18 8.95
C ASN A 88 17.46 -27.72 8.77
N ALA A 89 16.55 -27.26 9.63
CA ALA A 89 16.16 -25.86 9.65
C ALA A 89 17.38 -25.00 9.99
N VAL A 90 18.05 -25.34 11.08
CA VAL A 90 19.26 -24.64 11.48
C VAL A 90 20.25 -24.63 10.33
N THR A 91 20.34 -25.74 9.61
CA THR A 91 21.26 -25.85 8.48
C THR A 91 20.89 -24.87 7.38
N GLU A 92 19.61 -24.80 7.05
CA GLU A 92 19.13 -23.86 6.03
C GLU A 92 19.41 -22.42 6.45
N LEU A 93 19.17 -22.13 7.72
CA LEU A 93 19.38 -20.79 8.26
C LEU A 93 20.81 -20.34 8.17
N GLN A 94 21.74 -21.26 8.36
CA GLN A 94 23.15 -20.90 8.31
C GLN A 94 23.57 -20.65 6.88
N LEU A 95 22.92 -21.30 5.94
CA LEU A 95 23.20 -21.11 4.51
C LEU A 95 22.85 -19.69 4.10
N LEU A 96 21.84 -19.12 4.77
CA LEU A 96 21.38 -17.77 4.49
C LEU A 96 22.47 -16.73 4.72
N MET A 97 23.40 -17.02 5.62
CA MET A 97 24.55 -16.16 5.85
C MET A 97 25.65 -16.36 4.78
N GLN A 98 26.85 -15.86 5.07
CA GLN A 98 27.99 -15.81 4.14
C GLN A 98 27.73 -14.87 2.95
N PHE A 137 -0.99 8.00 -13.02
CA PHE A 137 -0.21 8.48 -14.14
C PHE A 137 1.13 9.07 -13.68
N LEU A 138 1.10 9.74 -12.52
CA LEU A 138 2.24 10.57 -12.11
C LEU A 138 3.26 9.87 -11.22
N GLY A 139 3.21 8.55 -11.15
CA GLY A 139 4.09 7.79 -10.29
C GLY A 139 5.57 8.00 -10.57
N PHE A 140 5.91 8.36 -11.81
CA PHE A 140 7.31 8.55 -12.18
C PHE A 140 7.90 9.77 -11.45
N LEU A 141 7.04 10.57 -10.83
CA LEU A 141 7.46 11.74 -10.06
C LEU A 141 7.87 11.39 -8.62
N LEU A 142 7.67 10.14 -8.24
CA LEU A 142 8.01 9.72 -6.88
C LEU A 142 9.53 9.66 -6.67
N GLY A 143 9.95 9.85 -5.41
CA GLY A 143 11.34 9.63 -5.03
C GLY A 143 11.63 8.15 -4.85
N VAL A 144 12.81 7.81 -4.36
CA VAL A 144 13.21 6.41 -4.24
C VAL A 144 13.76 6.10 -2.86
N GLY A 145 12.99 5.39 -2.05
CA GLY A 145 13.42 5.10 -0.70
C GLY A 145 14.19 3.81 -0.59
N SER A 146 14.42 3.40 0.66
CA SER A 146 14.99 2.08 0.95
C SER A 146 14.21 1.43 2.08
N ALA A 147 13.11 0.75 1.73
CA ALA A 147 12.10 0.27 2.67
C ALA A 147 12.63 -0.39 3.94
N ILE A 148 13.64 -1.26 3.85
CA ILE A 148 14.10 -1.94 5.05
C ILE A 148 15.43 -1.39 5.58
N ALA A 149 15.72 -0.13 5.27
CA ALA A 149 16.98 0.49 5.71
C ALA A 149 16.99 0.67 7.23
N SER A 150 15.81 0.89 7.82
CA SER A 150 15.70 1.05 9.26
C SER A 150 15.97 -0.27 10.00
N GLY A 151 15.45 -1.36 9.44
CA GLY A 151 15.66 -2.68 10.00
C GLY A 151 17.06 -3.20 9.81
N VAL A 152 17.63 -3.03 8.64
CA VAL A 152 19.00 -3.49 8.38
C VAL A 152 19.97 -2.69 9.24
N ALA A 153 19.68 -1.42 9.49
CA ALA A 153 20.50 -0.58 10.37
C ALA A 153 20.69 -1.25 11.72
N VAL A 154 19.63 -1.88 12.23
CA VAL A 154 19.70 -2.58 13.51
C VAL A 154 20.44 -3.91 13.38
N CYS A 155 20.15 -4.63 12.30
CA CYS A 155 20.85 -5.88 12.02
C CYS A 155 22.37 -5.73 12.00
N LYS A 156 22.85 -4.70 11.30
CA LYS A 156 24.28 -4.46 11.18
C LYS A 156 24.94 -4.25 12.56
N VAL A 157 24.16 -3.78 13.52
CA VAL A 157 24.67 -3.55 14.86
C VAL A 157 24.77 -4.87 15.64
N LEU A 158 23.81 -5.77 15.42
CA LEU A 158 23.82 -7.06 16.11
C LEU A 158 25.03 -7.92 15.72
N HIS A 159 25.68 -7.54 14.63
CA HIS A 159 26.85 -8.26 14.15
C HIS A 159 28.10 -7.83 14.92
N LEU A 160 28.01 -6.74 15.68
CA LEU A 160 29.09 -6.35 16.57
C LEU A 160 29.28 -7.41 17.65
N GLU A 161 30.48 -7.53 18.17
CA GLU A 161 30.72 -8.58 19.15
C GLU A 161 30.18 -8.14 20.51
N GLY A 162 29.75 -9.13 21.29
CA GLY A 162 29.17 -8.90 22.60
C GLY A 162 27.75 -8.41 22.50
N GLU A 163 27.33 -8.06 21.28
CA GLU A 163 26.03 -7.48 21.07
C GLU A 163 24.93 -8.56 21.07
N VAL A 164 25.29 -9.77 20.67
CA VAL A 164 24.37 -10.88 20.74
C VAL A 164 24.32 -11.40 22.18
N ASN A 165 25.42 -11.23 22.90
CA ASN A 165 25.47 -11.64 24.30
C ASN A 165 24.79 -10.62 25.22
N LYS A 166 24.89 -9.34 24.88
CA LYS A 166 24.22 -8.27 25.63
C LYS A 166 22.71 -8.53 25.62
N ILE A 167 22.23 -9.00 24.48
CA ILE A 167 20.85 -9.44 24.32
C ILE A 167 20.56 -10.74 25.09
N LYS A 168 21.39 -11.74 24.88
CA LYS A 168 21.25 -13.04 25.50
C LYS A 168 21.31 -12.96 27.04
N SER A 169 22.01 -11.93 27.55
CA SER A 169 22.14 -11.73 28.99
C SER A 169 20.92 -11.04 29.59
N ALA A 170 20.42 -10.03 28.89
CA ALA A 170 19.25 -9.28 29.35
C ALA A 170 17.99 -10.15 29.30
N LEU A 171 17.97 -11.12 28.39
CA LEU A 171 16.82 -12.02 28.25
C LEU A 171 17.03 -13.34 28.99
N LEU A 172 17.44 -13.24 30.24
CA LEU A 172 17.72 -14.43 31.04
C LEU A 172 16.49 -14.80 31.89
N SER A 173 16.05 -13.85 32.71
CA SER A 173 14.93 -14.08 33.64
C SER A 173 13.60 -13.50 33.15
N THR A 174 13.67 -12.64 32.13
CA THR A 174 12.46 -12.08 31.51
C THR A 174 12.50 -12.34 30.00
N ASN A 175 11.32 -12.40 29.37
CA ASN A 175 11.24 -12.69 27.94
C ASN A 175 11.27 -11.44 27.08
N LYS A 176 11.24 -10.27 27.72
CA LYS A 176 11.22 -9.01 26.99
C LYS A 176 12.09 -7.99 27.70
N ALA A 177 13.09 -7.47 27.01
CA ALA A 177 14.02 -6.51 27.59
C ALA A 177 14.44 -5.44 26.60
N VAL A 178 14.93 -4.31 27.12
CA VAL A 178 15.52 -3.27 26.27
C VAL A 178 17.03 -3.35 26.30
N VAL A 179 17.65 -3.57 25.15
CA VAL A 179 19.10 -3.60 25.08
C VAL A 179 19.63 -2.35 24.40
N SER A 180 20.33 -1.54 25.17
CA SER A 180 21.02 -0.38 24.61
C SER A 180 22.16 -0.89 23.74
N LEU A 181 22.01 -0.75 22.44
CA LEU A 181 22.89 -1.44 21.49
C LEU A 181 24.26 -0.79 21.27
N SER A 182 24.63 0.12 22.16
CA SER A 182 25.89 0.86 22.03
C SER A 182 26.04 1.52 20.67
N ASN A 183 24.91 1.90 20.07
CA ASN A 183 24.89 2.59 18.79
C ASN A 183 24.00 3.82 18.85
N GLY A 184 23.20 3.93 19.90
CA GLY A 184 22.26 5.02 20.05
C GLY A 184 20.86 4.51 20.39
N VAL A 185 20.39 3.54 19.60
CA VAL A 185 19.04 3.03 19.76
C VAL A 185 18.88 2.20 21.03
N SER A 186 17.74 2.40 21.69
CA SER A 186 17.29 1.50 22.72
C SER A 186 16.24 0.60 22.08
N VAL A 187 16.67 -0.58 21.64
CA VAL A 187 15.77 -1.49 20.93
C VAL A 187 15.05 -2.46 21.86
N LEU A 188 13.77 -2.69 21.55
CA LEU A 188 12.99 -3.66 22.28
C LEU A 188 13.37 -5.07 21.83
N THR A 189 13.99 -5.82 22.73
CA THR A 189 14.33 -7.21 22.46
C THR A 189 13.27 -8.12 23.04
N PHE A 190 13.06 -9.26 22.39
CA PHE A 190 11.91 -10.10 22.66
C PHE A 190 12.27 -11.55 22.33
N LYS A 191 12.26 -12.42 23.33
CA LYS A 191 12.48 -13.85 23.09
C LYS A 191 11.15 -14.56 22.97
N VAL A 192 10.87 -15.04 21.77
CA VAL A 192 9.56 -15.58 21.45
C VAL A 192 9.52 -17.09 21.64
N LEU A 193 10.67 -17.73 21.51
CA LEU A 193 10.75 -19.18 21.51
C LEU A 193 12.04 -19.64 22.16
N ASP A 194 11.93 -20.50 23.17
CA ASP A 194 13.14 -20.98 23.85
C ASP A 194 13.34 -22.47 23.60
N LEU A 195 13.88 -22.81 22.43
CA LEU A 195 14.16 -24.20 22.09
C LEU A 195 15.37 -24.74 22.84
N LYS A 196 16.39 -23.90 23.00
CA LYS A 196 17.60 -24.28 23.73
C LYS A 196 17.26 -24.83 25.10
N ASN A 197 16.49 -24.06 25.85
CA ASN A 197 16.03 -24.46 27.17
C ASN A 197 15.23 -25.76 27.12
N TYR A 198 14.27 -25.82 26.21
CA TYR A 198 13.42 -27.00 26.09
C TYR A 198 14.25 -28.25 25.79
N ILE A 199 14.98 -28.23 24.68
CA ILE A 199 15.77 -29.39 24.27
C ILE A 199 16.74 -29.84 25.35
N ASP A 200 17.30 -28.89 26.08
CA ASP A 200 18.31 -29.22 27.09
C ASP A 200 17.71 -29.57 28.45
N LYS A 201 16.46 -29.14 28.68
CA LYS A 201 15.79 -29.43 29.95
C LYS A 201 14.58 -30.34 29.79
N GLN A 202 14.55 -31.13 28.72
CA GLN A 202 13.43 -32.03 28.48
C GLN A 202 13.86 -33.22 27.64
N LEU A 203 14.60 -32.94 26.57
CA LEU A 203 15.02 -33.98 25.64
C LEU A 203 16.43 -34.47 25.95
N LEU A 204 17.30 -33.56 26.36
CA LEU A 204 18.69 -33.90 26.63
C LEU A 204 18.90 -34.86 27.81
N PRO A 205 18.16 -34.67 28.93
CA PRO A 205 18.35 -35.65 30.01
C PRO A 205 17.88 -37.06 29.67
N ILE A 206 16.84 -37.16 28.83
CA ILE A 206 16.28 -38.45 28.45
C ILE A 206 16.99 -39.06 27.23
N LEU A 207 17.80 -38.26 26.55
CA LEU A 207 18.50 -38.74 25.36
C LEU A 207 19.82 -39.43 25.77
N ASN A 208 19.93 -39.76 27.05
CA ASN A 208 21.15 -40.32 27.60
C ASN A 208 20.92 -41.63 28.35
N SER A 213 17.23 -42.29 26.38
CA SER A 213 16.75 -43.53 25.78
C SER A 213 15.22 -43.59 25.64
N ILE A 214 14.52 -43.04 26.64
CA ILE A 214 13.08 -43.33 26.83
C ILE A 214 12.19 -42.08 26.99
N SER A 215 10.92 -42.16 26.57
CA SER A 215 10.00 -41.02 26.57
C SER A 215 8.77 -41.15 27.48
N ASN A 216 8.41 -40.03 28.11
CA ASN A 216 7.38 -39.96 29.15
C ASN A 216 5.92 -39.96 28.68
N ILE A 217 5.47 -38.76 28.27
CA ILE A 217 4.15 -38.49 27.71
C ILE A 217 4.44 -37.43 26.64
N GLU A 218 3.49 -36.58 26.28
CA GLU A 218 3.77 -35.55 25.29
C GLU A 218 3.51 -34.12 25.80
N THR A 219 4.49 -33.21 25.81
CA THR A 219 5.94 -33.34 25.52
C THR A 219 6.32 -33.60 24.05
N VAL A 220 6.01 -34.77 23.51
CA VAL A 220 6.15 -35.00 22.08
C VAL A 220 5.31 -33.99 21.32
N ILE A 221 4.09 -33.75 21.81
CA ILE A 221 3.19 -32.78 21.21
C ILE A 221 3.75 -31.37 21.33
N GLU A 222 4.25 -31.06 22.52
CA GLU A 222 4.71 -29.72 22.84
C GLU A 222 5.93 -29.35 22.01
N PHE A 223 6.82 -30.32 21.82
CA PHE A 223 8.03 -30.07 21.04
C PHE A 223 7.67 -29.87 19.57
N GLN A 224 6.80 -30.73 19.05
CA GLN A 224 6.36 -30.61 17.66
C GLN A 224 5.80 -29.21 17.39
N GLN A 225 5.13 -28.63 18.37
CA GLN A 225 4.53 -27.31 18.19
C GLN A 225 5.56 -26.20 18.23
N LYS A 226 6.46 -26.25 19.21
CA LYS A 226 7.54 -25.27 19.28
C LYS A 226 8.38 -25.34 18.02
N ASN A 227 8.76 -26.56 17.65
CA ASN A 227 9.63 -26.80 16.50
C ASN A 227 9.00 -26.42 15.17
N ASN A 228 7.71 -26.70 15.00
CA ASN A 228 7.03 -26.39 13.75
C ASN A 228 7.11 -24.91 13.42
N ARG A 229 6.99 -24.09 14.46
CA ARG A 229 7.12 -22.66 14.29
C ARG A 229 8.51 -22.30 13.72
N LEU A 230 9.54 -22.95 14.22
CA LEU A 230 10.90 -22.69 13.72
C LEU A 230 10.96 -23.04 12.24
N LEU A 231 10.36 -24.15 11.88
CA LEU A 231 10.38 -24.62 10.50
C LEU A 231 9.61 -23.66 9.58
N GLU A 232 8.56 -23.05 10.12
CA GLU A 232 7.76 -22.11 9.33
C GLU A 232 8.50 -20.80 9.10
N ILE A 233 9.06 -20.26 10.17
CA ILE A 233 9.97 -19.13 10.11
C ILE A 233 11.14 -19.38 9.14
N THR A 234 11.74 -20.56 9.22
CA THR A 234 12.86 -20.93 8.36
C THR A 234 12.43 -21.05 6.90
N ARG A 235 11.24 -21.60 6.66
CA ARG A 235 10.73 -21.74 5.31
C ARG A 235 10.53 -20.35 4.69
N GLU A 236 10.01 -19.42 5.46
CA GLU A 236 9.79 -18.06 4.95
C GLU A 236 11.12 -17.37 4.63
N PHE A 237 12.07 -17.44 5.54
CA PHE A 237 13.36 -16.80 5.31
C PHE A 237 14.09 -17.47 4.16
N SER A 238 13.91 -18.78 4.02
CA SER A 238 14.49 -19.48 2.90
C SER A 238 13.96 -18.97 1.54
N VAL A 239 12.64 -18.95 1.37
CA VAL A 239 12.12 -18.66 0.04
C VAL A 239 12.16 -17.17 -0.30
N ASN A 240 12.46 -16.34 0.69
CA ASN A 240 12.47 -14.92 0.49
C ASN A 240 13.86 -14.34 0.67
N ALA A 241 14.83 -15.24 0.84
CA ALA A 241 16.22 -14.86 0.99
C ALA A 241 16.39 -13.86 2.13
N GLY A 242 15.76 -14.15 3.26
CA GLY A 242 16.04 -13.43 4.48
C GLY A 242 15.19 -12.21 4.78
N VAL A 243 14.37 -11.78 3.83
CA VAL A 243 13.47 -10.66 4.09
C VAL A 243 12.04 -11.01 3.67
N THR A 244 11.10 -10.92 4.61
CA THR A 244 9.72 -11.35 4.34
C THR A 244 8.69 -10.25 4.59
N THR A 245 7.57 -10.36 3.88
CA THR A 245 6.41 -9.51 4.08
C THR A 245 5.23 -10.07 3.28
N PRO A 246 4.03 -10.08 3.88
CA PRO A 246 3.73 -9.60 5.24
C PRO A 246 4.33 -10.47 6.34
N VAL A 247 4.48 -9.88 7.53
CA VAL A 247 4.97 -10.60 8.69
C VAL A 247 3.94 -11.63 9.15
N SER A 248 4.28 -12.91 9.03
CA SER A 248 3.35 -14.00 9.34
C SER A 248 3.13 -14.18 10.85
N THR A 249 2.11 -14.96 11.18
CA THR A 249 1.81 -15.24 12.58
C THR A 249 2.88 -16.14 13.17
N TYR A 250 3.77 -16.66 12.33
CA TYR A 250 4.89 -17.46 12.81
C TYR A 250 6.10 -16.60 13.16
N MET A 251 6.36 -15.55 12.38
CA MET A 251 7.35 -14.56 12.73
C MET A 251 6.98 -13.88 14.05
N LEU A 252 5.69 -13.61 14.21
CA LEU A 252 5.20 -12.88 15.35
C LEU A 252 3.74 -13.26 15.61
N THR A 253 3.47 -13.95 16.71
CA THR A 253 2.10 -14.36 16.98
C THR A 253 1.24 -13.16 17.34
N ASN A 254 -0.08 -13.35 17.37
CA ASN A 254 -0.98 -12.23 17.61
C ASN A 254 -0.81 -11.67 19.01
N SER A 255 -0.55 -12.55 19.97
CA SER A 255 -0.38 -12.14 21.35
C SER A 255 0.96 -11.41 21.53
N GLU A 256 1.96 -11.80 20.74
CA GLU A 256 3.24 -11.11 20.78
C GLU A 256 3.15 -9.75 20.12
N LEU A 257 2.48 -9.70 18.97
CA LEU A 257 2.30 -8.46 18.25
C LEU A 257 1.57 -7.44 19.10
N LEU A 258 0.48 -7.88 19.74
CA LEU A 258 -0.34 -6.97 20.52
C LEU A 258 0.39 -6.43 21.74
N SER A 259 1.30 -7.21 22.30
CA SER A 259 2.05 -6.72 23.46
C SER A 259 3.11 -5.74 22.99
N LEU A 260 3.60 -5.95 21.77
CA LEU A 260 4.53 -5.02 21.14
C LEU A 260 3.85 -3.67 20.92
N ILE A 261 2.61 -3.75 20.45
CA ILE A 261 1.77 -2.57 20.21
C ILE A 261 1.47 -1.84 21.51
N ASN A 262 1.22 -2.58 22.58
CA ASN A 262 0.95 -1.99 23.89
C ASN A 262 2.11 -1.16 24.44
N ASP A 263 3.34 -1.56 24.11
CA ASP A 263 4.54 -0.91 24.62
C ASP A 263 5.16 0.06 23.63
N MET A 264 4.42 0.38 22.58
CA MET A 264 4.88 1.38 21.62
C MET A 264 4.64 2.78 22.15
N PRO A 265 5.63 3.66 22.00
CA PRO A 265 5.49 5.07 22.38
C PRO A 265 4.50 5.80 21.49
N ILE A 266 3.23 5.40 21.50
CA ILE A 266 2.27 5.99 20.58
C ILE A 266 0.94 6.26 21.25
N THR A 267 0.15 7.12 20.61
CA THR A 267 -1.13 7.52 21.16
C THR A 267 -2.13 6.35 21.20
N ASN A 268 -3.09 6.42 22.13
CA ASN A 268 -4.10 5.37 22.26
C ASN A 268 -4.89 5.14 20.98
N ASP A 269 -5.03 6.19 20.17
CA ASP A 269 -5.74 6.09 18.90
C ASP A 269 -4.97 5.15 17.97
N GLN A 270 -3.66 5.31 17.99
CA GLN A 270 -2.74 4.51 17.20
C GLN A 270 -2.79 3.03 17.61
N LYS A 271 -2.87 2.79 18.91
CA LYS A 271 -2.92 1.42 19.43
C LYS A 271 -4.22 0.71 19.07
N LYS A 272 -5.36 1.42 19.19
CA LYS A 272 -6.63 0.83 18.83
C LYS A 272 -6.73 0.59 17.32
N LEU A 273 -6.16 1.50 16.54
CA LEU A 273 -6.14 1.35 15.09
C LEU A 273 -5.39 0.10 14.65
N MET A 274 -4.24 -0.13 15.25
CA MET A 274 -3.42 -1.30 14.91
C MET A 274 -4.07 -2.60 15.40
N SER A 275 -4.73 -2.55 16.56
CA SER A 275 -5.38 -3.72 17.14
C SER A 275 -6.64 -4.14 16.39
N ASN A 276 -7.35 -3.17 15.82
CA ASN A 276 -8.54 -3.46 15.03
C ASN A 276 -8.21 -3.89 13.61
N ASN A 277 -6.93 -3.78 13.26
CA ASN A 277 -6.48 -4.13 11.91
C ASN A 277 -5.13 -4.81 11.89
N VAL A 278 -4.94 -5.89 12.64
CA VAL A 278 -3.62 -6.51 12.72
C VAL A 278 -3.12 -7.10 11.39
N GLN A 279 -4.02 -7.61 10.54
CA GLN A 279 -3.58 -8.19 9.29
C GLN A 279 -3.09 -7.12 8.33
N ILE A 280 -3.71 -5.95 8.35
CA ILE A 280 -3.20 -4.80 7.58
C ILE A 280 -1.85 -4.37 8.14
N VAL A 281 -1.76 -4.29 9.47
CA VAL A 281 -0.50 -3.98 10.14
C VAL A 281 0.57 -4.97 9.70
N ARG A 282 0.26 -6.25 9.80
CA ARG A 282 1.13 -7.32 9.30
C ARG A 282 1.58 -7.12 7.86
N GLN A 283 0.67 -6.65 7.01
CA GLN A 283 0.97 -6.46 5.59
C GLN A 283 1.91 -5.29 5.34
N GLN A 284 2.00 -4.37 6.30
CA GLN A 284 2.89 -3.24 6.15
C GLN A 284 4.16 -3.42 6.96
N SER A 285 4.42 -4.65 7.39
CA SER A 285 5.59 -4.91 8.20
C SER A 285 6.60 -5.71 7.42
N TYR A 286 7.85 -5.67 7.87
CA TYR A 286 8.89 -6.52 7.32
C TYR A 286 9.48 -7.40 8.40
N SER A 287 9.92 -8.58 8.00
CA SER A 287 10.73 -9.39 8.88
C SER A 287 12.08 -9.61 8.22
N ILE A 288 13.15 -9.17 8.88
CA ILE A 288 14.49 -9.31 8.33
C ILE A 288 15.40 -10.22 9.14
N MET A 289 15.77 -11.35 8.55
CA MET A 289 16.70 -12.30 9.14
C MET A 289 18.03 -11.59 9.39
N CYS A 290 18.52 -11.68 10.62
CA CYS A 290 19.67 -10.88 11.04
C CYS A 290 20.93 -11.70 11.30
N ILE A 291 20.84 -12.71 12.16
CA ILE A 291 22.04 -13.41 12.57
C ILE A 291 21.76 -14.77 13.21
N ILE A 292 22.68 -15.71 13.01
CA ILE A 292 22.74 -16.91 13.81
C ILE A 292 24.12 -17.01 14.45
N LYS A 293 24.13 -16.94 15.77
CA LYS A 293 25.36 -16.82 16.53
C LYS A 293 25.08 -17.19 17.98
N GLU A 294 25.98 -17.96 18.59
CA GLU A 294 25.92 -18.31 20.01
C GLU A 294 24.58 -18.92 20.41
N GLU A 295 24.13 -19.94 19.67
CA GLU A 295 22.89 -20.65 19.97
C GLU A 295 21.69 -19.69 20.03
N VAL A 296 21.75 -18.64 19.23
CA VAL A 296 20.69 -17.64 19.18
C VAL A 296 20.33 -17.31 17.73
N LEU A 297 19.04 -17.26 17.43
CA LEU A 297 18.58 -16.76 16.16
C LEU A 297 17.92 -15.41 16.38
N ALA A 298 18.36 -14.39 15.65
CA ALA A 298 17.77 -13.08 15.79
C ALA A 298 17.26 -12.58 14.45
N TYR A 299 16.00 -12.16 14.41
CA TYR A 299 15.53 -11.35 13.29
C TYR A 299 14.91 -10.05 13.76
N VAL A 300 14.97 -9.05 12.89
CA VAL A 300 14.39 -7.75 13.18
C VAL A 300 13.02 -7.66 12.57
N VAL A 301 12.01 -7.47 13.41
CA VAL A 301 10.68 -7.15 12.92
C VAL A 301 10.53 -5.64 12.83
N GLN A 302 10.06 -5.20 11.68
CA GLN A 302 9.98 -3.78 11.36
C GLN A 302 8.51 -3.39 11.16
N LEU A 303 7.91 -2.79 12.20
CA LEU A 303 6.49 -2.47 12.20
C LEU A 303 6.19 -1.03 11.81
N PRO A 304 5.03 -0.78 11.22
CA PRO A 304 4.68 0.59 10.78
C PRO A 304 4.33 1.56 11.91
N LEU A 305 4.85 2.78 11.85
CA LEU A 305 4.34 3.88 12.66
C LEU A 305 3.31 4.68 11.86
N TYR A 306 2.11 4.81 12.40
CA TYR A 306 1.08 5.63 11.77
C TYR A 306 0.99 7.01 12.43
N GLY A 307 1.77 7.96 11.91
CA GLY A 307 1.85 9.29 12.48
C GLY A 307 0.68 10.15 12.07
N VAL A 308 0.04 9.78 10.97
CA VAL A 308 -1.15 10.51 10.53
C VAL A 308 -2.38 9.61 10.54
N ILE A 309 -3.37 10.03 11.30
CA ILE A 309 -4.53 9.23 11.59
C ILE A 309 -5.77 10.11 11.66
N ASP A 310 -6.85 9.68 11.00
CA ASP A 310 -8.15 10.35 11.11
C ASP A 310 -8.16 11.74 10.52
N THR A 311 -7.40 11.93 9.46
CA THR A 311 -7.46 13.18 8.72
C THR A 311 -8.28 12.88 7.46
N PRO A 312 -8.87 13.92 6.86
CA PRO A 312 -9.69 13.71 5.67
C PRO A 312 -8.90 13.15 4.49
N CYS A 313 -9.48 12.15 3.83
CA CYS A 313 -8.89 11.64 2.60
C CYS A 313 -9.93 11.67 1.51
N TRP A 314 -9.44 11.75 0.28
CA TRP A 314 -10.33 11.70 -0.87
C TRP A 314 -9.57 11.13 -2.06
N LYS A 315 -10.27 10.29 -2.83
CA LYS A 315 -9.67 9.67 -3.98
C LYS A 315 -10.14 10.38 -5.24
N LEU A 316 -9.22 10.64 -6.16
CA LEU A 316 -9.56 11.29 -7.41
C LEU A 316 -9.57 10.32 -8.59
N HIS A 317 -10.71 10.23 -9.27
CA HIS A 317 -10.85 9.42 -10.46
C HIS A 317 -10.95 10.29 -11.71
N THR A 318 -10.09 10.04 -12.69
CA THR A 318 -10.10 10.77 -13.94
C THR A 318 -10.20 9.83 -15.12
N SER A 319 -10.79 10.30 -16.21
CA SER A 319 -10.97 9.49 -17.41
C SER A 319 -10.83 10.40 -18.62
N PRO A 320 -10.46 9.84 -19.78
CA PRO A 320 -10.20 10.71 -20.93
C PRO A 320 -11.43 11.52 -21.42
N LEU A 321 -11.23 12.82 -21.56
CA LEU A 321 -12.28 13.71 -22.04
C LEU A 321 -11.98 14.15 -23.46
N CYS A 322 -12.82 13.72 -24.40
CA CYS A 322 -12.56 13.95 -25.82
C CYS A 322 -13.70 14.64 -26.53
N THR A 323 -13.40 15.22 -27.68
CA THR A 323 -14.42 15.75 -28.54
C THR A 323 -15.04 14.58 -29.28
N THR A 324 -16.13 14.82 -29.98
CA THR A 324 -16.95 13.74 -30.51
C THR A 324 -17.43 14.01 -31.92
N ASN A 325 -16.59 14.67 -32.72
CA ASN A 325 -16.90 14.93 -34.11
C ASN A 325 -17.00 13.63 -34.88
N THR A 326 -17.98 13.56 -35.80
CA THR A 326 -18.23 12.36 -36.59
C THR A 326 -16.96 11.82 -37.26
N LYS A 327 -16.25 12.70 -37.98
CA LYS A 327 -15.06 12.31 -38.74
C LYS A 327 -13.94 11.73 -37.88
N GLU A 328 -13.60 10.47 -38.14
CA GLU A 328 -12.60 9.74 -37.36
C GLU A 328 -11.23 10.41 -37.40
N GLY A 329 -10.61 10.54 -36.24
CA GLY A 329 -9.26 11.07 -36.14
C GLY A 329 -9.16 12.59 -36.14
N SER A 330 -10.29 13.28 -36.20
CA SER A 330 -10.31 14.73 -36.14
C SER A 330 -10.51 15.20 -34.72
N ASN A 331 -10.42 14.28 -33.78
CA ASN A 331 -10.77 14.59 -32.39
C ASN A 331 -9.57 14.86 -31.51
N ILE A 332 -9.80 15.63 -30.45
CA ILE A 332 -8.78 15.94 -29.47
C ILE A 332 -9.24 15.50 -28.08
N CYS A 333 -8.29 15.20 -27.22
CA CYS A 333 -8.58 14.58 -25.95
C CYS A 333 -7.69 15.17 -24.88
N LEU A 334 -8.12 14.98 -23.64
CA LEU A 334 -7.48 15.60 -22.49
C LEU A 334 -7.82 14.76 -21.25
N THR A 335 -6.81 14.36 -20.48
CA THR A 335 -7.06 13.61 -19.26
C THR A 335 -6.36 14.25 -18.09
N ARG A 336 -7.08 14.53 -17.02
CA ARG A 336 -6.43 14.96 -15.78
C ARG A 336 -5.52 13.85 -15.30
N THR A 337 -4.23 14.14 -15.13
CA THR A 337 -3.26 13.09 -14.85
C THR A 337 -3.03 12.91 -13.39
N ASP A 338 -3.75 13.67 -12.58
CA ASP A 338 -3.53 13.74 -11.15
C ASP A 338 -4.45 12.82 -10.33
N ARG A 339 -4.86 11.69 -10.89
CA ARG A 339 -5.63 10.71 -10.13
C ARG A 339 -4.81 10.05 -9.04
N GLY A 340 -5.51 9.58 -8.01
CA GLY A 340 -4.86 8.96 -6.87
C GLY A 340 -5.55 9.29 -5.56
N TRP A 341 -4.90 8.92 -4.46
CA TRP A 341 -5.39 9.26 -3.14
C TRP A 341 -4.81 10.59 -2.69
N TYR A 342 -5.64 11.37 -2.01
CA TYR A 342 -5.20 12.61 -1.40
C TYR A 342 -5.56 12.59 0.07
N CYS A 343 -4.60 12.82 0.95
CA CYS A 343 -4.93 12.94 2.36
C CYS A 343 -4.38 14.20 2.94
N ASP A 344 -5.20 14.90 3.71
CA ASP A 344 -4.76 16.06 4.47
C ASP A 344 -3.67 15.64 5.43
N ASN A 345 -2.55 16.33 5.38
CA ASN A 345 -1.42 15.95 6.19
C ASN A 345 -0.54 17.13 6.56
N ALA A 346 -0.59 17.52 7.82
CA ALA A 346 0.34 18.48 8.40
C ALA A 346 0.39 19.81 7.65
N GLY A 347 -0.77 20.28 7.20
CA GLY A 347 -0.84 21.59 6.56
C GLY A 347 -0.65 21.53 5.07
N SER A 348 -0.20 20.37 4.59
CA SER A 348 -0.10 20.12 3.16
C SER A 348 -1.07 19.00 2.82
N VAL A 349 -0.95 18.46 1.62
CA VAL A 349 -1.72 17.30 1.22
C VAL A 349 -0.79 16.21 0.68
N SER A 350 -0.88 15.02 1.26
CA SER A 350 -0.14 13.88 0.73
C SER A 350 -0.86 13.32 -0.48
N PHE A 351 -0.16 13.24 -1.61
CA PHE A 351 -0.75 12.69 -2.81
C PHE A 351 -0.12 11.35 -3.19
N PHE A 352 -0.97 10.36 -3.46
CA PHE A 352 -0.52 9.02 -3.81
C PHE A 352 -0.93 8.66 -5.25
N PRO A 353 -0.04 8.91 -6.23
CA PRO A 353 -0.34 8.73 -7.66
C PRO A 353 -0.71 7.29 -8.06
N GLN A 354 -0.26 6.29 -7.31
CA GLN A 354 -0.63 4.90 -7.59
C GLN A 354 -1.64 4.35 -6.57
N ALA A 355 -2.93 4.53 -6.84
CA ALA A 355 -4.01 4.29 -5.87
C ALA A 355 -4.21 2.80 -5.54
N GLU A 356 -3.12 2.04 -5.58
CA GLU A 356 -3.08 0.62 -5.25
C GLU A 356 -1.87 0.40 -4.35
N THR A 357 -1.29 1.50 -3.92
CA THR A 357 -0.31 1.52 -2.84
C THR A 357 -1.10 1.91 -1.59
N CYS A 358 -2.42 1.91 -1.75
CA CYS A 358 -3.35 2.24 -0.69
C CYS A 358 -4.42 1.15 -0.63
N LYS A 359 -4.88 0.82 0.57
CA LYS A 359 -5.90 -0.18 0.77
C LYS A 359 -7.03 0.39 1.62
N VAL A 360 -8.26 0.28 1.14
CA VAL A 360 -9.41 0.80 1.87
C VAL A 360 -10.06 -0.30 2.70
N GLN A 361 -10.36 0.02 3.96
CA GLN A 361 -11.18 -0.84 4.81
C GLN A 361 -12.42 -0.06 5.26
N SER A 362 -13.58 -0.41 4.70
CA SER A 362 -14.79 0.39 4.81
C SER A 362 -14.50 1.86 4.45
N ASN A 363 -14.16 2.70 5.43
CA ASN A 363 -13.87 4.10 5.14
C ASN A 363 -12.54 4.59 5.69
N ARG A 364 -11.67 3.65 6.05
CA ARG A 364 -10.31 3.98 6.48
C ARG A 364 -9.31 3.64 5.39
N VAL A 365 -8.48 4.61 5.02
CA VAL A 365 -7.51 4.43 3.95
C VAL A 365 -6.13 4.22 4.50
N PHE A 366 -5.57 3.05 4.26
CA PHE A 366 -4.19 2.74 4.64
C PHE A 366 -3.24 3.05 3.49
N CYS A 367 -2.25 3.89 3.76
CA CYS A 367 -1.32 4.34 2.74
C CYS A 367 0.09 4.30 3.28
N ASP A 368 1.06 4.51 2.40
CA ASP A 368 2.46 4.56 2.81
C ASP A 368 3.07 5.85 2.28
N THR A 369 3.65 6.68 3.14
CA THR A 369 4.11 8.00 2.67
C THR A 369 5.33 7.91 1.76
N MET A 370 5.97 6.74 1.74
CA MET A 370 7.06 6.47 0.82
C MET A 370 6.62 6.62 -0.64
N ASN A 371 5.35 6.34 -0.89
CA ASN A 371 4.80 6.38 -2.23
C ASN A 371 3.98 7.62 -2.47
N SER A 372 4.42 8.73 -1.92
CA SER A 372 3.60 9.93 -2.00
C SER A 372 4.42 11.14 -2.35
N LEU A 373 3.72 12.16 -2.84
CA LEU A 373 4.28 13.47 -2.98
C LEU A 373 3.57 14.34 -1.97
N THR A 374 4.27 15.36 -1.50
CA THR A 374 3.70 16.38 -0.64
C THR A 374 3.36 17.61 -1.50
N LEU A 375 2.10 17.97 -1.55
CA LEU A 375 1.63 19.07 -2.37
C LEU A 375 0.91 20.11 -1.51
N PRO A 376 0.81 21.35 -2.02
CA PRO A 376 -0.01 22.41 -1.41
C PRO A 376 -1.44 21.98 -1.26
N SER A 377 -2.12 22.44 -0.22
CA SER A 377 -3.52 22.09 -0.01
C SER A 377 -4.41 22.69 -1.11
N GLU A 378 -3.89 23.69 -1.81
CA GLU A 378 -4.60 24.32 -2.93
C GLU A 378 -4.96 23.34 -4.04
N VAL A 379 -4.32 22.17 -4.04
CA VAL A 379 -4.49 21.20 -5.11
C VAL A 379 -5.95 20.77 -5.27
N ASN A 380 -6.75 20.87 -4.22
CA ASN A 380 -8.14 20.44 -4.31
C ASN A 380 -9.00 21.40 -5.15
N LEU A 381 -8.46 22.59 -5.39
CA LEU A 381 -9.15 23.57 -6.23
C LEU A 381 -9.28 23.07 -7.67
N CYS A 382 -8.43 22.12 -8.05
CA CYS A 382 -8.49 21.60 -9.40
C CYS A 382 -9.80 20.87 -9.71
N ASN A 383 -10.53 20.47 -8.68
CA ASN A 383 -11.81 19.80 -8.88
C ASN A 383 -12.95 20.81 -8.99
N VAL A 384 -12.97 21.75 -8.05
CA VAL A 384 -13.92 22.83 -8.08
C VAL A 384 -13.80 23.63 -9.37
N ASP A 385 -12.58 24.04 -9.68
CA ASP A 385 -12.31 24.91 -10.82
C ASP A 385 -10.91 24.65 -11.36
N ILE A 386 -10.85 23.98 -12.50
CA ILE A 386 -9.60 23.55 -13.09
C ILE A 386 -8.82 24.68 -13.79
N PHE A 387 -9.45 25.84 -13.98
CA PHE A 387 -8.73 26.95 -14.63
C PHE A 387 -8.22 27.98 -13.63
N ASN A 388 -8.15 27.60 -12.36
CA ASN A 388 -7.86 28.53 -11.27
C ASN A 388 -6.41 29.02 -11.23
N PRO A 389 -6.19 30.23 -10.68
CA PRO A 389 -4.88 30.88 -10.66
C PRO A 389 -3.96 30.45 -9.51
N LYS A 390 -4.43 29.59 -8.60
CA LYS A 390 -3.66 29.27 -7.40
C LYS A 390 -2.94 27.92 -7.52
N TYR A 391 -3.50 26.99 -8.26
CA TYR A 391 -2.78 25.76 -8.56
C TYR A 391 -2.92 25.40 -10.03
N ASP A 392 -1.81 25.03 -10.65
CA ASP A 392 -1.82 24.65 -12.06
C ASP A 392 -2.12 23.16 -12.23
N CYS A 393 -3.34 22.86 -12.66
CA CYS A 393 -3.83 21.48 -12.72
C CYS A 393 -3.16 20.65 -13.80
N LYS A 394 -2.77 19.42 -13.48
CA LYS A 394 -2.03 18.61 -14.43
C LYS A 394 -2.92 17.79 -15.36
N ILE A 395 -2.65 17.94 -16.66
CA ILE A 395 -3.37 17.20 -17.70
C ILE A 395 -2.42 16.58 -18.72
N MET A 396 -2.89 15.57 -19.42
CA MET A 396 -2.19 15.09 -20.61
C MET A 396 -3.13 15.23 -21.79
N THR A 397 -2.56 15.34 -22.99
CA THR A 397 -3.37 15.51 -24.18
C THR A 397 -3.08 14.40 -25.20
N SER A 398 -4.04 14.14 -26.09
CA SER A 398 -3.82 13.18 -27.17
C SER A 398 -4.87 13.33 -28.27
N LYS A 399 -4.74 12.54 -29.33
CA LYS A 399 -5.75 12.45 -30.37
C LYS A 399 -6.38 11.07 -30.35
N THR A 400 -6.13 10.34 -29.27
CA THR A 400 -6.49 8.94 -29.16
C THR A 400 -7.78 8.75 -28.41
N ASP A 401 -8.90 8.85 -29.12
CA ASP A 401 -10.23 8.73 -28.52
C ASP A 401 -10.70 7.28 -28.39
N VAL A 402 -10.11 6.53 -27.48
CA VAL A 402 -10.56 5.17 -27.19
C VAL A 402 -11.55 5.15 -26.02
N SER A 403 -12.52 4.26 -26.08
CA SER A 403 -13.50 4.14 -25.01
C SER A 403 -12.93 3.37 -23.84
N SER A 404 -13.42 3.68 -22.64
CA SER A 404 -13.01 2.98 -21.43
C SER A 404 -13.86 3.44 -20.29
N SER A 405 -13.73 2.77 -19.16
CA SER A 405 -14.48 3.15 -17.99
C SER A 405 -13.60 3.20 -16.75
N VAL A 406 -13.91 4.08 -15.82
CA VAL A 406 -13.29 4.05 -14.50
C VAL A 406 -14.35 3.79 -13.44
N ILE A 407 -14.14 2.74 -12.66
CA ILE A 407 -15.06 2.37 -11.58
C ILE A 407 -14.71 3.10 -10.30
N THR A 408 -15.54 4.05 -9.92
CA THR A 408 -15.29 4.88 -8.75
C THR A 408 -15.82 4.24 -7.47
N SER A 409 -15.77 4.97 -6.36
CA SER A 409 -16.22 4.45 -5.08
C SER A 409 -17.72 4.24 -5.02
N LEU A 410 -18.48 5.14 -5.65
CA LEU A 410 -19.94 5.09 -5.60
C LEU A 410 -20.58 5.12 -6.98
N GLY A 411 -19.84 4.78 -8.02
CA GLY A 411 -20.41 4.77 -9.36
C GLY A 411 -19.38 4.53 -10.43
N ALA A 412 -19.67 4.94 -11.65
CA ALA A 412 -18.75 4.71 -12.75
C ALA A 412 -18.62 5.91 -13.68
N ILE A 413 -17.41 6.18 -14.12
CA ILE A 413 -17.18 7.15 -15.17
C ILE A 413 -17.09 6.41 -16.48
N VAL A 414 -17.75 6.93 -17.50
CA VAL A 414 -17.71 6.29 -18.81
C VAL A 414 -17.27 7.26 -19.91
N SER A 415 -16.13 6.95 -20.50
CA SER A 415 -15.66 7.69 -21.65
C SER A 415 -16.00 6.91 -22.90
N CYS A 416 -17.16 7.19 -23.51
CA CYS A 416 -17.60 6.49 -24.71
C CYS A 416 -17.28 7.31 -25.97
N TYR A 417 -16.48 6.73 -26.87
CA TYR A 417 -16.15 7.42 -28.10
C TYR A 417 -16.23 6.49 -29.32
N GLY A 418 -16.54 7.07 -30.47
CA GLY A 418 -16.57 6.32 -31.71
C GLY A 418 -17.75 5.39 -31.83
N LYS A 419 -17.52 4.19 -32.31
CA LYS A 419 -18.60 3.24 -32.56
C LYS A 419 -18.90 2.30 -31.38
N THR A 420 -18.23 2.53 -30.24
CA THR A 420 -18.33 1.63 -29.09
C THR A 420 -19.72 1.56 -28.50
N LYS A 421 -20.10 0.38 -27.99
CA LYS A 421 -21.39 0.21 -27.32
C LYS A 421 -21.23 0.31 -25.80
N CYS A 422 -21.68 1.41 -25.21
CA CYS A 422 -21.53 1.56 -23.76
C CYS A 422 -22.88 1.64 -23.05
N THR A 423 -23.06 0.76 -22.07
CA THR A 423 -24.32 0.69 -21.34
C THR A 423 -24.12 0.56 -19.84
N ALA A 424 -25.18 0.79 -19.08
CA ALA A 424 -25.23 0.42 -17.66
C ALA A 424 -26.43 -0.48 -17.41
N SER A 425 -26.28 -1.45 -16.52
CA SER A 425 -27.36 -2.40 -16.31
C SER A 425 -27.66 -2.71 -14.86
N ASN A 426 -28.92 -3.08 -14.62
CA ASN A 426 -29.35 -3.64 -13.34
C ASN A 426 -29.31 -5.14 -13.44
N LYS A 427 -29.03 -5.81 -12.32
CA LYS A 427 -28.92 -7.25 -12.29
C LYS A 427 -30.16 -7.91 -12.86
N ASN A 428 -31.32 -7.52 -12.33
CA ASN A 428 -32.59 -8.16 -12.68
C ASN A 428 -33.30 -7.57 -13.90
N ARG A 429 -32.88 -6.39 -14.35
CA ARG A 429 -33.64 -5.71 -15.39
C ARG A 429 -32.86 -5.50 -16.70
N GLY A 430 -31.54 -5.65 -16.66
CA GLY A 430 -30.74 -5.46 -17.85
C GLY A 430 -30.38 -4.01 -18.13
N ILE A 431 -30.21 -3.69 -19.41
CA ILE A 431 -29.76 -2.36 -19.80
C ILE A 431 -30.77 -1.29 -19.46
N ILE A 432 -30.35 -0.35 -18.62
CA ILE A 432 -31.23 0.75 -18.23
C ILE A 432 -30.73 2.08 -18.74
N LYS A 433 -29.47 2.15 -19.16
CA LYS A 433 -28.95 3.37 -19.78
C LYS A 433 -27.97 3.06 -20.90
N THR A 434 -28.20 3.66 -22.07
CA THR A 434 -27.23 3.59 -23.15
C THR A 434 -26.51 4.91 -23.23
N PHE A 435 -25.19 4.87 -23.15
CA PHE A 435 -24.39 6.10 -23.11
C PHE A 435 -24.18 6.73 -24.48
N SER A 436 -24.26 8.06 -24.54
CA SER A 436 -23.90 8.79 -25.76
C SER A 436 -22.39 8.97 -25.82
N ASN A 437 -21.89 9.32 -27.00
CA ASN A 437 -20.48 9.65 -27.14
C ASN A 437 -20.17 10.84 -26.26
N GLY A 438 -19.04 10.75 -25.58
CA GLY A 438 -18.62 11.78 -24.65
C GLY A 438 -18.19 11.13 -23.35
N CYS A 439 -18.21 11.91 -22.29
CA CYS A 439 -17.89 11.39 -20.97
C CYS A 439 -19.07 11.59 -20.03
N ASP A 440 -19.49 10.50 -19.40
CA ASP A 440 -20.68 10.50 -18.57
C ASP A 440 -20.44 9.70 -17.29
N TYR A 441 -21.43 9.70 -16.40
CA TYR A 441 -21.25 9.09 -15.10
C TYR A 441 -22.55 8.51 -14.62
N VAL A 442 -22.46 7.48 -13.79
CA VAL A 442 -23.64 6.85 -13.25
C VAL A 442 -23.31 6.33 -11.84
N SER A 443 -24.27 6.38 -10.92
CA SER A 443 -24.01 5.96 -9.53
C SER A 443 -24.41 4.50 -9.30
N ASN A 444 -23.86 3.91 -8.25
CA ASN A 444 -24.08 2.49 -7.95
C ASN A 444 -25.48 2.22 -7.44
N LYS A 445 -26.22 3.30 -7.24
CA LYS A 445 -27.59 3.26 -6.75
C LYS A 445 -28.49 2.75 -7.88
N GLY A 446 -28.83 1.47 -7.87
CA GLY A 446 -29.67 0.88 -8.89
C GLY A 446 -28.94 0.31 -10.11
N VAL A 447 -27.65 0.62 -10.23
CA VAL A 447 -26.82 0.10 -11.30
C VAL A 447 -25.84 -0.93 -10.71
N ASP A 448 -25.74 -2.10 -11.35
CA ASP A 448 -24.89 -3.19 -10.86
C ASP A 448 -23.64 -3.37 -11.70
N THR A 449 -23.78 -3.17 -13.01
CA THR A 449 -22.67 -3.32 -13.94
C THR A 449 -22.62 -2.23 -14.98
N VAL A 450 -21.44 -2.05 -15.56
CA VAL A 450 -21.26 -1.12 -16.65
C VAL A 450 -20.55 -1.86 -17.79
N SER A 451 -20.89 -1.53 -19.03
CA SER A 451 -20.27 -2.18 -20.19
C SER A 451 -19.69 -1.19 -21.16
N VAL A 452 -18.39 -1.27 -21.41
CA VAL A 452 -17.77 -0.48 -22.47
C VAL A 452 -17.14 -1.41 -23.48
N GLY A 453 -17.68 -1.42 -24.69
CA GLY A 453 -17.25 -2.37 -25.71
C GLY A 453 -17.45 -3.79 -25.23
N ASN A 454 -16.42 -4.62 -25.35
CA ASN A 454 -16.48 -6.00 -24.88
C ASN A 454 -16.03 -6.15 -23.42
N THR A 455 -16.08 -5.09 -22.63
CA THR A 455 -15.60 -5.19 -21.26
C THR A 455 -16.72 -4.96 -20.25
N LEU A 456 -17.06 -6.00 -19.49
CA LEU A 456 -18.03 -5.86 -18.41
C LEU A 456 -17.36 -5.50 -17.09
N TYR A 457 -17.81 -4.39 -16.50
CA TYR A 457 -17.30 -3.88 -15.22
C TYR A 457 -18.39 -3.93 -14.14
N TYR A 458 -18.18 -4.67 -13.05
CA TYR A 458 -19.05 -4.53 -11.88
C TYR A 458 -18.68 -3.22 -11.14
N VAL A 459 -19.71 -2.49 -10.72
CA VAL A 459 -19.51 -1.29 -9.91
C VAL A 459 -19.42 -1.67 -8.44
N ASN A 460 -18.81 -0.80 -7.64
CA ASN A 460 -18.74 -1.02 -6.20
C ASN A 460 -20.08 -0.77 -5.54
N LYS A 461 -20.51 -1.69 -4.69
CA LYS A 461 -21.82 -1.55 -4.09
C LYS A 461 -21.75 -0.97 -2.70
N GLN A 462 -20.76 -0.11 -2.47
CA GLN A 462 -20.63 0.65 -1.24
C GLN A 462 -21.81 1.62 -1.07
N GLU A 463 -22.26 1.78 0.17
CA GLU A 463 -23.33 2.71 0.48
C GLU A 463 -22.82 4.15 0.57
N GLY A 464 -23.36 5.04 -0.26
CA GLY A 464 -22.97 6.44 -0.21
C GLY A 464 -23.86 7.32 -1.07
N LYS A 465 -23.53 8.61 -1.12
CA LYS A 465 -24.32 9.56 -1.90
C LYS A 465 -23.51 10.18 -3.05
N SER A 466 -24.06 10.19 -4.26
CA SER A 466 -23.37 10.77 -5.41
C SER A 466 -24.02 12.07 -5.89
N LEU A 467 -23.19 12.97 -6.39
CA LEU A 467 -23.68 14.21 -6.96
C LEU A 467 -23.08 14.43 -8.34
N TYR A 468 -23.95 14.65 -9.31
CA TYR A 468 -23.54 14.91 -10.67
C TYR A 468 -23.45 16.42 -10.86
N VAL A 469 -22.25 16.92 -11.09
CA VAL A 469 -22.06 18.35 -11.31
C VAL A 469 -22.03 18.66 -12.81
N LYS A 470 -23.17 19.12 -13.32
CA LYS A 470 -23.31 19.49 -14.73
C LYS A 470 -22.34 20.62 -15.08
N GLY A 471 -21.87 20.61 -16.33
CA GLY A 471 -20.86 21.55 -16.78
C GLY A 471 -20.41 21.26 -18.20
N GLU A 472 -19.97 22.28 -18.90
CA GLU A 472 -19.46 22.11 -20.25
C GLU A 472 -18.10 21.44 -20.23
N PRO A 473 -17.94 20.32 -20.96
CA PRO A 473 -16.63 19.67 -21.06
C PRO A 473 -15.58 20.64 -21.61
N ILE A 474 -14.50 20.85 -20.86
CA ILE A 474 -13.56 21.92 -21.18
C ILE A 474 -12.89 21.71 -22.53
N ILE A 475 -12.83 20.46 -22.98
CA ILE A 475 -12.23 20.13 -24.28
C ILE A 475 -12.93 20.89 -25.42
N ASN A 476 -14.18 21.28 -25.22
CA ASN A 476 -14.89 21.99 -26.27
C ASN A 476 -14.45 23.44 -26.37
N PHE A 477 -13.67 23.91 -25.40
CA PHE A 477 -13.15 25.27 -25.41
C PHE A 477 -11.88 25.41 -26.24
N TYR A 478 -11.39 24.31 -26.80
CA TYR A 478 -10.12 24.34 -27.51
C TYR A 478 -10.31 24.18 -29.01
N ASP A 479 -9.67 25.05 -29.78
CA ASP A 479 -9.60 24.91 -31.22
C ASP A 479 -8.63 23.81 -31.56
N PRO A 480 -9.13 22.75 -32.24
CA PRO A 480 -8.32 21.59 -32.62
C PRO A 480 -7.10 21.95 -33.46
N LEU A 481 -7.17 23.07 -34.19
CA LEU A 481 -6.11 23.44 -35.11
C LEU A 481 -4.80 23.77 -34.40
N VAL A 482 -4.87 24.39 -33.24
CA VAL A 482 -3.66 24.77 -32.49
C VAL A 482 -3.54 24.06 -31.14
N PHE A 483 -4.21 22.92 -31.02
CA PHE A 483 -4.17 22.12 -29.81
C PHE A 483 -2.94 21.20 -29.81
N PRO A 484 -2.14 21.26 -28.74
CA PRO A 484 -0.94 20.42 -28.58
C PRO A 484 -1.27 19.00 -28.13
N SER A 485 -0.91 18.00 -28.94
CA SER A 485 -1.50 16.67 -28.75
C SER A 485 -0.54 15.52 -28.42
N ASP A 486 0.60 15.80 -27.80
CA ASP A 486 1.45 14.73 -27.30
C ASP A 486 2.11 15.20 -26.01
N GLU A 487 1.30 15.80 -25.16
CA GLU A 487 1.80 16.26 -23.88
C GLU A 487 1.39 15.27 -22.80
N PHE A 488 2.35 14.88 -21.98
CA PHE A 488 2.07 13.96 -20.89
C PHE A 488 2.31 14.63 -19.55
N ASP A 489 3.54 15.11 -19.37
CA ASP A 489 3.91 15.84 -18.17
C ASP A 489 3.55 17.32 -18.33
N ALA A 490 2.26 17.59 -18.51
CA ALA A 490 1.80 18.93 -18.82
C ALA A 490 0.75 19.42 -17.85
N SER A 491 0.23 20.61 -18.13
CA SER A 491 -0.75 21.26 -17.27
C SER A 491 -1.60 22.26 -18.05
N ILE A 492 -2.62 22.80 -17.39
CA ILE A 492 -3.53 23.76 -18.01
C ILE A 492 -2.82 25.04 -18.48
N SER A 493 -1.88 25.54 -17.67
CA SER A 493 -1.17 26.76 -18.03
C SER A 493 -0.09 26.49 -19.07
N GLN A 494 0.52 25.31 -19.01
CA GLN A 494 1.51 24.92 -20.00
C GLN A 494 0.87 24.80 -21.39
N VAL A 495 -0.32 24.22 -21.43
CA VAL A 495 -1.03 24.08 -22.70
C VAL A 495 -1.44 25.45 -23.27
N ASN A 496 -1.95 26.34 -22.42
CA ASN A 496 -2.33 27.67 -22.87
C ASN A 496 -1.14 28.44 -23.42
N GLU A 497 -0.01 28.27 -22.74
CA GLU A 497 1.24 28.86 -23.16
C GLU A 497 1.63 28.37 -24.55
N LYS A 498 1.46 27.06 -24.80
CA LYS A 498 1.74 26.49 -26.12
C LYS A 498 0.78 27.04 -27.17
N ILE A 499 -0.47 27.24 -26.76
CA ILE A 499 -1.48 27.77 -27.67
C ILE A 499 -1.19 29.22 -28.03
N ASN A 500 -0.98 30.05 -27.03
CA ASN A 500 -0.60 31.45 -27.25
C ASN A 500 0.55 31.59 -28.22
N GLN A 501 1.59 30.78 -28.03
CA GLN A 501 2.76 30.82 -28.89
C GLN A 501 2.42 30.58 -30.36
N SER A 502 1.53 29.62 -30.61
CA SER A 502 1.19 29.28 -31.99
C SER A 502 0.13 30.23 -32.58
N LEU A 503 -0.58 30.96 -31.72
CA LEU A 503 -1.49 31.99 -32.19
C LEU A 503 -0.71 33.28 -32.51
N ALA A 504 0.41 33.43 -31.84
CA ALA A 504 1.34 34.52 -32.12
C ALA A 504 1.87 34.38 -33.54
N PHE A 505 2.36 33.18 -33.87
CA PHE A 505 2.88 32.91 -35.20
C PHE A 505 1.81 33.10 -36.28
N ILE A 506 0.59 32.66 -35.98
CA ILE A 506 -0.51 32.77 -36.94
C ILE A 506 -0.87 34.24 -37.23
N ARG A 507 -0.95 35.07 -36.20
CA ARG A 507 -1.29 36.48 -36.38
C ARG A 507 -0.13 37.29 -36.94
N LYS A 508 1.06 36.69 -37.03
CA LYS A 508 2.23 37.36 -37.59
C LYS A 508 2.42 37.01 -39.07
N SER A 509 1.92 35.85 -39.48
CA SER A 509 1.93 35.49 -40.89
C SER A 509 0.72 36.13 -41.59
N ASP A 510 -0.32 36.41 -40.82
CA ASP A 510 -1.52 37.09 -41.33
C ASP A 510 -1.19 38.44 -41.96
N GLU A 511 -0.36 39.22 -41.27
CA GLU A 511 -0.02 40.57 -41.70
C GLU A 511 0.85 40.58 -42.96
N LEU A 512 1.19 39.39 -43.46
CA LEU A 512 1.97 39.28 -44.67
C LEU A 512 1.07 39.49 -45.90
#